data_2HG2
#
_entry.id   2HG2
#
_cell.length_a   143.940
_cell.length_b   143.940
_cell.length_c   108.730
_cell.angle_alpha   90.00
_cell.angle_beta   90.00
_cell.angle_gamma   120.00
#
_symmetry.space_group_name_H-M   'P 64 2 2'
#
loop_
_entity.id
_entity.type
_entity.pdbx_description
1 polymer 'Aldehyde dehydrogenase A'
2 non-polymer 'SULFATE ION'
3 water water
#
_entity_poly.entity_id   1
_entity_poly.type   'polypeptide(L)'
_entity_poly.pdbx_seq_one_letter_code
;MSVPVQHPMYIDGQFVTWRGDAWIDVVNPATEAVISRIPDGQAEDARKAIDAAERAQPEWEALPAIERASWLRKISAGIR
ERASEISALIVEEGGKIQQLAEVEVAFTADYIDYMAEWARRYEGEIIQSDRPGENILLFKRALGVTTGILPWNFPFFLIA
RKMAPALLTGNTIVIKPSEFTPNNAIAFAKIVDEIGLPRGVFNLVLGRGETVGQELAGNPKVAMVSMTGSVSAGEKIMAT
AAKNITKVCLELGGKAPAIVMDDADLELAVKAIVDSRVINSGQVCNCAERVYVQKGIYDQFVNRLGEAMQAVQFGNPAER
NDIAMGPLINAAALERVEQKVARAVEEGARVAFGGKAVEGKGYYYPPTLLLDVRQEMSIMHEETFGPVLPVVAFDTLEDA
ISMANDSDYGLTSSIYTQNLNVAMKAIKGLKFGETYINRENFEAMQGFHAGWRKSGIGGADGKHGLHEYLQTQVVYLQS
;
_entity_poly.pdbx_strand_id   A
#
# COMPACT_ATOMS: atom_id res chain seq x y z
N VAL A 3 24.62 -7.58 -18.89
CA VAL A 3 24.68 -6.15 -18.47
C VAL A 3 23.33 -5.70 -17.90
N PRO A 4 23.33 -5.10 -16.69
CA PRO A 4 22.08 -4.64 -16.10
C PRO A 4 21.46 -3.53 -16.94
N VAL A 5 20.22 -3.72 -17.35
CA VAL A 5 19.53 -2.75 -18.17
C VAL A 5 19.38 -1.39 -17.50
N GLN A 6 19.50 -0.33 -18.30
CA GLN A 6 19.37 1.04 -17.81
C GLN A 6 18.04 1.58 -18.35
N HIS A 7 17.09 1.79 -17.45
CA HIS A 7 15.75 2.24 -17.80
C HIS A 7 15.53 3.71 -18.12
N PRO A 8 14.62 3.98 -19.07
CA PRO A 8 14.27 5.33 -19.49
C PRO A 8 13.01 5.73 -18.72
N MET A 9 12.70 7.01 -18.70
CA MET A 9 11.49 7.47 -18.04
C MET A 9 10.41 7.50 -19.11
N TYR A 10 9.15 7.55 -18.70
CA TYR A 10 8.05 7.61 -19.67
C TYR A 10 7.35 8.94 -19.48
N ILE A 11 7.65 9.89 -20.36
CA ILE A 11 7.09 11.24 -20.29
C ILE A 11 6.47 11.70 -21.60
N ASP A 12 5.23 12.18 -21.52
CA ASP A 12 4.48 12.68 -22.66
C ASP A 12 4.31 11.67 -23.80
N GLY A 13 3.90 10.46 -23.47
CA GLY A 13 3.66 9.45 -24.47
C GLY A 13 4.82 8.74 -25.14
N GLN A 14 6.02 8.85 -24.57
CA GLN A 14 7.18 8.19 -25.16
C GLN A 14 8.22 7.95 -24.09
N PHE A 15 9.06 6.93 -24.30
CA PHE A 15 10.13 6.66 -23.36
C PHE A 15 11.22 7.67 -23.69
N VAL A 16 11.82 8.24 -22.66
CA VAL A 16 12.87 9.23 -22.83
C VAL A 16 14.16 8.72 -22.20
N THR A 17 15.23 8.65 -22.98
CA THR A 17 16.51 8.17 -22.49
C THR A 17 17.18 9.20 -21.58
N TRP A 18 17.61 8.75 -20.42
CA TRP A 18 18.26 9.61 -19.44
C TRP A 18 19.65 10.05 -19.89
N ARG A 19 19.89 11.36 -19.88
CA ARG A 19 21.17 11.91 -20.30
C ARG A 19 22.03 12.38 -19.13
N GLY A 20 21.73 11.87 -17.93
CA GLY A 20 22.49 12.24 -16.76
C GLY A 20 23.64 11.27 -16.54
N ASP A 21 24.55 11.61 -15.63
CA ASP A 21 25.70 10.76 -15.35
C ASP A 21 25.48 9.86 -14.14
N ALA A 22 24.51 10.24 -13.31
CA ALA A 22 24.21 9.48 -12.11
C ALA A 22 23.05 8.52 -12.29
N TRP A 23 23.25 7.29 -11.81
CA TRP A 23 22.23 6.25 -11.88
C TRP A 23 22.06 5.65 -10.50
N ILE A 24 20.98 4.91 -10.32
CA ILE A 24 20.70 4.26 -9.05
C ILE A 24 20.58 2.77 -9.32
N ASP A 25 21.40 1.96 -8.65
CA ASP A 25 21.35 0.52 -8.85
C ASP A 25 20.13 -0.08 -8.16
N VAL A 26 19.50 -1.04 -8.83
CA VAL A 26 18.35 -1.76 -8.30
C VAL A 26 18.87 -3.16 -8.01
N VAL A 27 18.81 -3.55 -6.74
CA VAL A 27 19.32 -4.83 -6.29
C VAL A 27 18.33 -5.92 -5.95
N ASN A 28 18.67 -7.16 -6.29
CA ASN A 28 17.81 -8.30 -5.95
C ASN A 28 18.10 -8.52 -4.47
N PRO A 29 17.08 -8.31 -3.60
CA PRO A 29 17.24 -8.48 -2.15
C PRO A 29 17.56 -9.90 -1.68
N ALA A 30 17.50 -10.86 -2.59
CA ALA A 30 17.79 -12.25 -2.25
C ALA A 30 19.27 -12.57 -2.44
N THR A 31 19.88 -11.95 -3.44
CA THR A 31 21.29 -12.19 -3.77
C THR A 31 22.20 -10.97 -3.68
N GLU A 32 21.61 -9.78 -3.66
CA GLU A 32 22.35 -8.52 -3.60
C GLU A 32 22.97 -8.16 -4.95
N ALA A 33 22.54 -8.83 -6.02
CA ALA A 33 23.06 -8.56 -7.36
C ALA A 33 22.30 -7.42 -8.02
N VAL A 34 23.01 -6.61 -8.81
CA VAL A 34 22.40 -5.48 -9.50
C VAL A 34 21.62 -5.99 -10.70
N ILE A 35 20.30 -5.84 -10.66
CA ILE A 35 19.46 -6.30 -11.75
C ILE A 35 19.13 -5.23 -12.79
N SER A 36 19.25 -3.97 -12.41
CA SER A 36 18.96 -2.89 -13.33
C SER A 36 19.36 -1.55 -12.74
N ARG A 37 19.30 -0.52 -13.56
CA ARG A 37 19.63 0.83 -13.14
C ARG A 37 18.58 1.81 -13.64
N ILE A 38 18.26 2.81 -12.82
CA ILE A 38 17.30 3.83 -13.21
C ILE A 38 17.95 5.18 -13.03
N PRO A 39 17.47 6.20 -13.74
CA PRO A 39 18.09 7.51 -13.57
C PRO A 39 17.89 8.13 -12.20
N ASP A 40 18.84 8.96 -11.79
CA ASP A 40 18.75 9.66 -10.52
C ASP A 40 18.04 10.95 -10.91
N GLY A 41 16.78 10.80 -11.33
CA GLY A 41 15.96 11.93 -11.75
C GLY A 41 15.99 13.16 -10.88
N GLN A 42 15.73 14.30 -11.50
CA GLN A 42 15.71 15.57 -10.80
C GLN A 42 14.35 16.24 -10.92
N ALA A 43 14.15 17.29 -10.15
CA ALA A 43 12.91 18.05 -10.16
C ALA A 43 12.53 18.43 -11.60
N GLU A 44 13.53 18.79 -12.40
CA GLU A 44 13.32 19.17 -13.79
C GLU A 44 12.54 18.10 -14.55
N ASP A 45 12.90 16.84 -14.31
CA ASP A 45 12.27 15.72 -14.97
C ASP A 45 10.81 15.59 -14.54
N ALA A 46 10.56 15.76 -13.25
CA ALA A 46 9.20 15.68 -12.72
C ALA A 46 8.34 16.79 -13.34
N ARG A 47 8.92 17.97 -13.54
CA ARG A 47 8.17 19.09 -14.13
C ARG A 47 7.76 18.82 -15.56
N LYS A 48 8.63 18.16 -16.32
CA LYS A 48 8.30 17.85 -17.71
C LYS A 48 7.10 16.91 -17.76
N ALA A 49 7.06 15.95 -16.85
CA ALA A 49 5.95 14.99 -16.81
C ALA A 49 4.67 15.71 -16.38
N ILE A 50 4.80 16.58 -15.38
CA ILE A 50 3.66 17.34 -14.89
C ILE A 50 3.13 18.27 -15.98
N ASP A 51 4.02 18.96 -16.69
CA ASP A 51 3.57 19.86 -17.75
C ASP A 51 2.84 19.11 -18.86
N ALA A 52 3.31 17.90 -19.16
CA ALA A 52 2.68 17.07 -20.19
C ALA A 52 1.30 16.59 -19.70
N ALA A 53 1.22 16.27 -18.42
CA ALA A 53 -0.03 15.81 -17.84
C ALA A 53 -1.05 16.96 -17.90
N GLU A 54 -0.57 18.17 -17.63
CA GLU A 54 -1.41 19.35 -17.66
C GLU A 54 -1.94 19.60 -19.07
N ARG A 55 -1.06 19.49 -20.07
CA ARG A 55 -1.48 19.71 -21.44
C ARG A 55 -2.53 18.69 -21.91
N ALA A 56 -2.44 17.46 -21.43
CA ALA A 56 -3.37 16.42 -21.85
C ALA A 56 -4.69 16.33 -21.06
N GLN A 57 -4.72 16.86 -19.85
CA GLN A 57 -5.90 16.75 -19.00
C GLN A 57 -7.25 17.25 -19.54
N PRO A 58 -7.31 18.46 -20.12
CA PRO A 58 -8.60 18.93 -20.63
C PRO A 58 -9.24 17.99 -21.67
N GLU A 59 -8.45 17.54 -22.64
CA GLU A 59 -8.95 16.64 -23.67
C GLU A 59 -9.33 15.30 -23.05
N TRP A 60 -8.57 14.87 -22.05
CA TRP A 60 -8.83 13.60 -21.37
C TRP A 60 -10.15 13.65 -20.60
N GLU A 61 -10.34 14.72 -19.80
CA GLU A 61 -11.59 14.84 -19.03
C GLU A 61 -12.79 15.04 -19.97
N ALA A 62 -12.56 15.65 -21.13
CA ALA A 62 -13.64 15.90 -22.09
C ALA A 62 -14.15 14.60 -22.72
N LEU A 63 -13.34 13.55 -22.68
CA LEU A 63 -13.78 12.28 -23.23
C LEU A 63 -14.86 11.70 -22.32
N PRO A 64 -15.89 11.06 -22.90
CA PRO A 64 -16.96 10.45 -22.10
C PRO A 64 -16.28 9.47 -21.14
N ALA A 65 -16.81 9.30 -19.93
CA ALA A 65 -16.19 8.40 -18.97
C ALA A 65 -16.03 6.98 -19.49
N ILE A 66 -17.02 6.50 -20.24
CA ILE A 66 -16.96 5.13 -20.77
C ILE A 66 -15.77 4.94 -21.71
N GLU A 67 -15.33 6.02 -22.36
CA GLU A 67 -14.18 5.91 -23.26
C GLU A 67 -12.89 5.83 -22.42
N ARG A 68 -12.87 6.51 -21.27
CA ARG A 68 -11.68 6.42 -20.43
C ARG A 68 -11.66 4.99 -19.88
N ALA A 69 -12.81 4.48 -19.47
CA ALA A 69 -12.88 3.11 -18.95
C ALA A 69 -12.38 2.17 -20.04
N SER A 70 -12.74 2.47 -21.29
CA SER A 70 -12.29 1.64 -22.40
C SER A 70 -10.75 1.63 -22.39
N TRP A 71 -10.11 2.79 -22.26
CA TRP A 71 -8.65 2.78 -22.23
C TRP A 71 -8.09 1.95 -21.07
N LEU A 72 -8.76 2.01 -19.90
CA LEU A 72 -8.29 1.26 -18.75
C LEU A 72 -8.36 -0.25 -18.98
N ARG A 73 -9.39 -0.69 -19.70
CA ARG A 73 -9.54 -2.11 -19.99
C ARG A 73 -8.47 -2.66 -20.91
N LYS A 74 -7.93 -1.82 -21.78
CA LYS A 74 -6.87 -2.26 -22.68
C LYS A 74 -5.62 -2.46 -21.86
N ILE A 75 -5.47 -1.63 -20.82
CA ILE A 75 -4.30 -1.73 -19.98
C ILE A 75 -4.32 -3.04 -19.19
N SER A 76 -5.44 -3.35 -18.54
CA SER A 76 -5.52 -4.57 -17.76
C SER A 76 -5.40 -5.80 -18.67
N ALA A 77 -5.91 -5.71 -19.89
CA ALA A 77 -5.80 -6.83 -20.82
C ALA A 77 -4.34 -7.02 -21.18
N GLY A 78 -3.60 -5.92 -21.30
CA GLY A 78 -2.19 -5.99 -21.61
C GLY A 78 -1.39 -6.62 -20.48
N ILE A 79 -1.81 -6.34 -19.25
CA ILE A 79 -1.15 -6.86 -18.05
C ILE A 79 -1.33 -8.37 -17.95
N ARG A 80 -2.54 -8.86 -18.21
CA ARG A 80 -2.79 -10.29 -18.14
C ARG A 80 -1.93 -11.03 -19.17
N GLU A 81 -1.78 -10.45 -20.37
CA GLU A 81 -0.97 -11.02 -21.43
C GLU A 81 0.50 -11.20 -21.03
N ARG A 82 0.98 -10.33 -20.14
CA ARG A 82 2.36 -10.40 -19.69
C ARG A 82 2.48 -10.73 -18.21
N ALA A 83 1.48 -11.40 -17.65
CA ALA A 83 1.47 -11.73 -16.23
C ALA A 83 2.74 -12.39 -15.68
N SER A 84 3.11 -13.55 -16.22
CA SER A 84 4.31 -14.24 -15.73
C SER A 84 5.56 -13.38 -15.82
N GLU A 85 5.70 -12.64 -16.91
CA GLU A 85 6.87 -11.76 -17.08
C GLU A 85 6.90 -10.72 -15.95
N ILE A 86 5.75 -10.09 -15.70
CA ILE A 86 5.65 -9.06 -14.67
C ILE A 86 5.83 -9.63 -13.26
N SER A 87 5.31 -10.84 -13.03
CA SER A 87 5.43 -11.49 -11.73
C SER A 87 6.89 -11.77 -11.38
N ALA A 88 7.67 -12.19 -12.38
CA ALA A 88 9.07 -12.50 -12.17
C ALA A 88 9.83 -11.22 -11.82
N LEU A 89 9.44 -10.11 -12.46
CA LEU A 89 10.07 -8.84 -12.19
C LEU A 89 9.83 -8.48 -10.73
N ILE A 90 8.61 -8.76 -10.26
CA ILE A 90 8.24 -8.46 -8.87
C ILE A 90 8.99 -9.36 -7.90
N VAL A 91 9.07 -10.65 -8.23
CA VAL A 91 9.79 -11.61 -7.40
C VAL A 91 11.25 -11.19 -7.29
N GLU A 92 11.84 -10.88 -8.44
CA GLU A 92 13.24 -10.48 -8.55
C GLU A 92 13.65 -9.21 -7.78
N GLU A 93 12.86 -8.15 -7.87
CA GLU A 93 13.20 -6.90 -7.20
C GLU A 93 12.53 -6.70 -5.83
N GLY A 94 11.33 -7.23 -5.67
CA GLY A 94 10.61 -7.07 -4.41
C GLY A 94 10.91 -8.14 -3.40
N GLY A 95 11.45 -9.26 -3.85
CA GLY A 95 11.77 -10.34 -2.94
C GLY A 95 10.57 -11.09 -2.40
N LYS A 96 9.41 -10.97 -3.04
CA LYS A 96 8.24 -11.70 -2.57
C LYS A 96 8.14 -13.04 -3.29
N ILE A 97 7.50 -14.01 -2.65
CA ILE A 97 7.37 -15.34 -3.23
C ILE A 97 6.53 -15.34 -4.51
N GLN A 98 6.84 -16.29 -5.39
CA GLN A 98 6.17 -16.45 -6.67
C GLN A 98 4.64 -16.44 -6.59
N GLN A 99 4.08 -17.19 -5.66
CA GLN A 99 2.63 -17.27 -5.53
C GLN A 99 2.03 -15.90 -5.23
N LEU A 100 2.70 -15.13 -4.39
CA LEU A 100 2.18 -13.82 -4.03
C LEU A 100 2.30 -12.86 -5.19
N ALA A 101 3.40 -12.95 -5.94
CA ALA A 101 3.61 -12.06 -7.09
C ALA A 101 2.54 -12.32 -8.15
N GLU A 102 2.24 -13.59 -8.42
CA GLU A 102 1.23 -13.93 -9.41
C GLU A 102 -0.15 -13.39 -9.01
N VAL A 103 -0.47 -13.47 -7.72
CA VAL A 103 -1.74 -12.98 -7.21
C VAL A 103 -1.80 -11.46 -7.35
N GLU A 104 -0.67 -10.79 -7.10
CA GLU A 104 -0.64 -9.33 -7.19
C GLU A 104 -0.93 -8.85 -8.61
N VAL A 105 -0.32 -9.51 -9.61
CA VAL A 105 -0.52 -9.11 -10.99
C VAL A 105 -1.96 -9.33 -11.42
N ALA A 106 -2.50 -10.52 -11.12
CA ALA A 106 -3.86 -10.84 -11.49
C ALA A 106 -4.83 -9.88 -10.79
N PHE A 107 -4.62 -9.64 -9.50
CA PHE A 107 -5.47 -8.74 -8.72
C PHE A 107 -5.43 -7.32 -9.29
N THR A 108 -4.24 -6.90 -9.71
CA THR A 108 -4.06 -5.56 -10.27
C THR A 108 -4.91 -5.39 -11.52
N ALA A 109 -4.93 -6.42 -12.36
CA ALA A 109 -5.72 -6.37 -13.59
C ALA A 109 -7.22 -6.35 -13.25
N ASP A 110 -7.63 -7.13 -12.26
CA ASP A 110 -9.04 -7.16 -11.86
C ASP A 110 -9.45 -5.84 -11.25
N TYR A 111 -8.55 -5.25 -10.47
CA TYR A 111 -8.81 -3.97 -9.83
C TYR A 111 -9.01 -2.88 -10.87
N ILE A 112 -8.15 -2.86 -11.88
CA ILE A 112 -8.29 -1.86 -12.93
C ILE A 112 -9.65 -2.01 -13.60
N ASP A 113 -10.06 -3.24 -13.89
CA ASP A 113 -11.36 -3.48 -14.52
C ASP A 113 -12.50 -3.03 -13.62
N TYR A 114 -12.40 -3.35 -12.33
CA TYR A 114 -13.42 -2.96 -11.37
C TYR A 114 -13.58 -1.43 -11.36
N MET A 115 -12.47 -0.71 -11.35
CA MET A 115 -12.52 0.76 -11.34
C MET A 115 -13.09 1.35 -12.63
N ALA A 116 -12.81 0.71 -13.75
CA ALA A 116 -13.31 1.18 -15.04
C ALA A 116 -14.84 1.16 -15.04
N GLU A 117 -15.42 0.25 -14.26
CA GLU A 117 -16.87 0.10 -14.17
C GLU A 117 -17.60 1.29 -13.54
N TRP A 118 -16.85 2.17 -12.89
CA TRP A 118 -17.44 3.35 -12.26
C TRP A 118 -17.83 4.42 -13.28
N ALA A 119 -17.33 4.31 -14.51
CA ALA A 119 -17.59 5.29 -15.56
C ALA A 119 -19.00 5.90 -15.62
N ARG A 120 -20.01 5.06 -15.70
CA ARG A 120 -21.37 5.54 -15.80
C ARG A 120 -22.07 5.56 -14.46
N ARG A 121 -21.31 5.42 -13.37
CA ARG A 121 -21.95 5.33 -12.06
C ARG A 121 -21.66 6.40 -11.00
N TYR A 122 -20.56 7.13 -11.11
CA TYR A 122 -20.33 8.13 -10.08
C TYR A 122 -21.31 9.27 -10.31
N GLU A 123 -22.08 9.63 -9.29
CA GLU A 123 -23.08 10.64 -9.55
C GLU A 123 -23.03 11.93 -8.77
N GLY A 124 -23.44 12.99 -9.47
CA GLY A 124 -23.52 14.31 -8.88
C GLY A 124 -24.92 14.38 -8.26
N GLU A 125 -25.33 15.53 -7.78
CA GLU A 125 -26.63 15.61 -7.14
C GLU A 125 -27.42 16.85 -7.47
N ILE A 126 -28.72 16.74 -7.32
CA ILE A 126 -29.63 17.85 -7.56
C ILE A 126 -30.30 18.13 -6.21
N ILE A 127 -30.05 19.33 -5.69
CA ILE A 127 -30.52 19.72 -4.37
C ILE A 127 -31.66 20.72 -4.36
N GLN A 128 -32.66 20.47 -3.52
CA GLN A 128 -33.81 21.37 -3.38
C GLN A 128 -33.33 22.72 -2.87
N SER A 129 -33.83 23.79 -3.49
CA SER A 129 -33.46 25.13 -3.09
C SER A 129 -34.59 25.80 -2.32
N ASP A 130 -34.25 26.81 -1.53
CA ASP A 130 -35.24 27.58 -0.77
C ASP A 130 -35.79 28.70 -1.66
N ARG A 131 -35.13 28.95 -2.79
CA ARG A 131 -35.57 29.99 -3.70
C ARG A 131 -36.45 29.44 -4.80
N PRO A 132 -37.61 30.07 -5.03
CA PRO A 132 -38.56 29.66 -6.08
C PRO A 132 -37.90 29.67 -7.45
N GLY A 133 -38.08 28.58 -8.20
CA GLY A 133 -37.53 28.51 -9.55
C GLY A 133 -36.03 28.27 -9.69
N GLU A 134 -35.33 28.06 -8.58
CA GLU A 134 -33.91 27.82 -8.65
C GLU A 134 -33.55 26.34 -8.56
N ASN A 135 -32.56 25.93 -9.34
CA ASN A 135 -32.07 24.55 -9.31
C ASN A 135 -30.63 24.60 -8.77
N ILE A 136 -30.34 23.77 -7.78
CA ILE A 136 -28.99 23.71 -7.26
C ILE A 136 -28.43 22.39 -7.82
N LEU A 137 -27.45 22.49 -8.72
CA LEU A 137 -26.87 21.31 -9.33
C LEU A 137 -25.43 21.12 -8.87
N LEU A 138 -25.16 19.97 -8.25
CA LEU A 138 -23.82 19.67 -7.77
C LEU A 138 -23.16 18.64 -8.68
N PHE A 139 -22.17 19.08 -9.47
CA PHE A 139 -21.49 18.17 -10.38
C PHE A 139 -20.18 17.65 -9.77
N LYS A 140 -19.76 16.47 -10.22
CA LYS A 140 -18.51 15.86 -9.75
C LYS A 140 -17.49 16.02 -10.87
N ARG A 141 -16.45 16.81 -10.65
CA ARG A 141 -15.42 17.06 -11.65
C ARG A 141 -14.06 16.49 -11.25
N ALA A 142 -13.17 16.36 -12.24
CA ALA A 142 -11.82 15.86 -12.03
C ALA A 142 -11.03 16.94 -11.29
N LEU A 143 -9.97 16.53 -10.61
CA LEU A 143 -9.12 17.47 -9.89
C LEU A 143 -8.20 18.13 -10.90
N GLY A 144 -7.69 17.34 -11.84
CA GLY A 144 -6.79 17.86 -12.85
C GLY A 144 -5.57 16.95 -12.94
N VAL A 145 -4.40 17.47 -12.61
CA VAL A 145 -3.19 16.66 -12.64
C VAL A 145 -2.93 16.09 -11.26
N THR A 146 -2.73 14.79 -11.17
CA THR A 146 -2.45 14.17 -9.89
C THR A 146 -1.13 13.41 -9.96
N THR A 147 -0.53 13.15 -8.78
CA THR A 147 0.73 12.44 -8.75
C THR A 147 0.65 11.30 -7.76
N GLY A 148 1.47 10.27 -7.98
CA GLY A 148 1.49 9.13 -7.11
C GLY A 148 2.90 8.71 -6.76
N ILE A 149 3.15 8.51 -5.46
CA ILE A 149 4.45 8.10 -4.97
C ILE A 149 4.21 6.71 -4.39
N LEU A 150 4.85 5.71 -4.98
CA LEU A 150 4.63 4.33 -4.56
C LEU A 150 5.66 3.73 -3.62
N PRO A 151 5.22 2.78 -2.77
CA PRO A 151 6.09 2.08 -1.82
C PRO A 151 6.67 0.86 -2.55
N TRP A 152 7.61 0.17 -1.91
CA TRP A 152 8.22 -1.01 -2.51
C TRP A 152 7.41 -2.28 -2.21
N ASN A 153 6.44 -2.14 -1.32
CA ASN A 153 5.56 -3.23 -0.91
C ASN A 153 4.32 -3.19 -1.83
N PHE A 154 4.09 -4.27 -2.58
CA PHE A 154 2.98 -4.31 -3.53
C PHE A 154 3.13 -3.14 -4.52
N PRO A 155 4.31 -3.01 -5.12
CA PRO A 155 4.58 -1.92 -6.07
C PRO A 155 3.73 -1.92 -7.33
N PHE A 156 3.44 -3.10 -7.87
CA PHE A 156 2.65 -3.16 -9.10
C PHE A 156 1.21 -2.77 -8.85
N PHE A 157 0.59 -3.39 -7.85
CA PHE A 157 -0.81 -3.10 -7.51
C PHE A 157 -1.03 -1.63 -7.20
N LEU A 158 -0.18 -1.04 -6.37
CA LEU A 158 -0.33 0.36 -6.00
C LEU A 158 -0.28 1.31 -7.18
N ILE A 159 0.25 0.85 -8.30
CA ILE A 159 0.26 1.69 -9.49
C ILE A 159 -1.21 1.88 -9.89
N ALA A 160 -1.93 0.77 -9.92
CA ALA A 160 -3.35 0.75 -10.29
C ALA A 160 -4.24 1.40 -9.25
N ARG A 161 -3.93 1.15 -7.97
CA ARG A 161 -4.73 1.70 -6.89
C ARG A 161 -4.84 3.21 -7.00
N LYS A 162 -3.83 3.83 -7.60
CA LYS A 162 -3.81 5.28 -7.77
C LYS A 162 -4.18 5.75 -9.19
N MET A 163 -3.60 5.13 -10.22
CA MET A 163 -3.89 5.54 -11.59
C MET A 163 -5.28 5.20 -12.15
N ALA A 164 -5.82 4.04 -11.80
CA ALA A 164 -7.14 3.64 -12.29
C ALA A 164 -8.26 4.61 -11.87
N PRO A 165 -8.39 4.89 -10.56
CA PRO A 165 -9.42 5.82 -10.09
C PRO A 165 -9.17 7.21 -10.68
N ALA A 166 -7.90 7.61 -10.70
CA ALA A 166 -7.51 8.91 -11.24
C ALA A 166 -7.89 9.09 -12.69
N LEU A 167 -7.51 8.14 -13.53
CA LEU A 167 -7.84 8.23 -14.95
C LEU A 167 -9.32 8.11 -15.26
N LEU A 168 -10.01 7.21 -14.55
CA LEU A 168 -11.43 6.99 -14.78
C LEU A 168 -12.23 8.28 -14.61
N THR A 169 -11.90 9.04 -13.58
CA THR A 169 -12.60 10.28 -13.26
C THR A 169 -12.16 11.50 -14.08
N GLY A 170 -11.21 11.29 -14.99
CA GLY A 170 -10.77 12.40 -15.82
C GLY A 170 -9.51 13.15 -15.45
N ASN A 171 -8.75 12.62 -14.51
CA ASN A 171 -7.49 13.24 -14.10
C ASN A 171 -6.38 12.62 -14.93
N THR A 172 -5.23 13.28 -14.97
CA THR A 172 -4.06 12.73 -15.66
C THR A 172 -3.12 12.47 -14.49
N ILE A 173 -2.07 11.68 -14.68
CA ILE A 173 -1.22 11.35 -13.56
C ILE A 173 0.27 11.18 -13.89
N VAL A 174 1.10 11.42 -12.87
CA VAL A 174 2.54 11.27 -12.97
C VAL A 174 2.89 10.39 -11.77
N ILE A 175 3.49 9.24 -12.05
CA ILE A 175 3.87 8.31 -10.99
C ILE A 175 5.37 8.14 -10.79
N LYS A 176 5.78 8.04 -9.53
CA LYS A 176 7.18 7.79 -9.21
C LYS A 176 7.23 6.49 -8.41
N PRO A 177 7.81 5.44 -8.99
CA PRO A 177 7.90 4.16 -8.29
C PRO A 177 8.95 4.29 -7.21
N SER A 178 8.98 3.34 -6.28
CA SER A 178 10.01 3.37 -5.24
C SER A 178 11.29 3.05 -5.99
N GLU A 179 12.39 3.67 -5.59
CA GLU A 179 13.67 3.42 -6.25
C GLU A 179 14.12 1.98 -6.07
N PHE A 180 13.52 1.27 -5.10
CA PHE A 180 13.88 -0.13 -4.85
C PHE A 180 13.14 -1.09 -5.76
N THR A 181 11.99 -0.66 -6.28
CA THR A 181 11.18 -1.54 -7.13
C THR A 181 10.57 -0.86 -8.36
N PRO A 182 11.41 -0.28 -9.23
CA PRO A 182 10.94 0.41 -10.44
C PRO A 182 10.69 -0.45 -11.69
N ASN A 183 11.28 -1.65 -11.72
CA ASN A 183 11.14 -2.52 -12.89
C ASN A 183 9.71 -2.88 -13.29
N ASN A 184 8.90 -3.26 -12.32
CA ASN A 184 7.50 -3.61 -12.58
C ASN A 184 6.76 -2.36 -13.10
N ALA A 185 7.19 -1.18 -12.68
CA ALA A 185 6.55 0.06 -13.13
C ALA A 185 6.94 0.34 -14.58
N ILE A 186 8.18 0.00 -14.95
CA ILE A 186 8.62 0.19 -16.32
C ILE A 186 7.77 -0.72 -17.21
N ALA A 187 7.54 -1.95 -16.75
CA ALA A 187 6.74 -2.90 -17.52
C ALA A 187 5.32 -2.36 -17.70
N PHE A 188 4.78 -1.73 -16.66
CA PHE A 188 3.44 -1.17 -16.75
C PHE A 188 3.45 -0.05 -17.78
N ALA A 189 4.50 0.75 -17.77
CA ALA A 189 4.61 1.86 -18.72
C ALA A 189 4.69 1.37 -20.17
N LYS A 190 5.36 0.23 -20.38
CA LYS A 190 5.48 -0.32 -21.72
C LYS A 190 4.10 -0.71 -22.24
N ILE A 191 3.28 -1.29 -21.37
CA ILE A 191 1.94 -1.70 -21.74
C ILE A 191 1.13 -0.46 -22.14
N VAL A 192 1.28 0.60 -21.35
CA VAL A 192 0.58 1.85 -21.63
C VAL A 192 1.00 2.39 -22.98
N ASP A 193 2.30 2.31 -23.27
CA ASP A 193 2.82 2.79 -24.54
C ASP A 193 2.28 1.95 -25.69
N GLU A 194 2.33 0.63 -25.53
CA GLU A 194 1.86 -0.29 -26.57
C GLU A 194 0.40 -0.12 -26.98
N ILE A 195 -0.49 0.10 -26.03
CA ILE A 195 -1.90 0.26 -26.37
C ILE A 195 -2.19 1.65 -26.89
N GLY A 196 -1.23 2.56 -26.73
CA GLY A 196 -1.40 3.91 -27.24
C GLY A 196 -2.27 4.86 -26.43
N LEU A 197 -2.19 4.80 -25.11
CA LEU A 197 -2.97 5.71 -24.26
C LEU A 197 -2.60 7.13 -24.67
N PRO A 198 -3.59 8.04 -24.77
CA PRO A 198 -3.24 9.41 -25.17
C PRO A 198 -2.05 9.95 -24.38
N ARG A 199 -1.11 10.58 -25.09
CA ARG A 199 0.09 11.12 -24.49
C ARG A 199 -0.20 12.06 -23.33
N GLY A 200 0.64 11.99 -22.29
CA GLY A 200 0.49 12.84 -21.14
C GLY A 200 -0.45 12.36 -20.06
N VAL A 201 -1.35 11.44 -20.40
CA VAL A 201 -2.29 10.94 -19.40
C VAL A 201 -1.61 10.13 -18.30
N PHE A 202 -0.67 9.26 -18.69
CA PHE A 202 0.08 8.46 -17.73
C PHE A 202 1.56 8.72 -17.94
N ASN A 203 2.25 9.14 -16.88
CA ASN A 203 3.67 9.43 -16.93
C ASN A 203 4.40 8.72 -15.79
N LEU A 204 5.63 8.30 -16.07
CA LEU A 204 6.44 7.61 -15.07
C LEU A 204 7.80 8.29 -14.93
N VAL A 205 8.08 8.87 -13.76
CA VAL A 205 9.36 9.53 -13.53
C VAL A 205 10.12 8.72 -12.48
N LEU A 206 11.44 8.59 -12.67
CA LEU A 206 12.28 7.80 -11.77
C LEU A 206 13.29 8.62 -10.99
N GLY A 207 13.50 8.24 -9.73
CA GLY A 207 14.44 8.97 -8.91
C GLY A 207 14.22 8.75 -7.42
N ARG A 208 14.81 9.61 -6.60
CA ARG A 208 14.69 9.51 -5.16
C ARG A 208 13.56 10.41 -4.65
N GLY A 209 13.12 10.14 -3.42
CA GLY A 209 12.05 10.92 -2.83
C GLY A 209 12.46 12.36 -2.61
N GLU A 210 13.71 12.53 -2.17
CA GLU A 210 14.27 13.85 -1.91
C GLU A 210 14.18 14.79 -3.12
N THR A 211 14.42 14.24 -4.30
CA THR A 211 14.41 15.03 -5.52
C THR A 211 13.10 15.00 -6.31
N VAL A 212 12.83 13.87 -6.96
CA VAL A 212 11.63 13.70 -7.75
C VAL A 212 10.36 13.73 -6.91
N GLY A 213 10.37 12.97 -5.81
CA GLY A 213 9.21 12.92 -4.95
C GLY A 213 8.72 14.27 -4.45
N GLN A 214 9.65 15.09 -4.01
CA GLN A 214 9.31 16.42 -3.52
C GLN A 214 8.68 17.31 -4.57
N GLU A 215 9.16 17.20 -5.82
CA GLU A 215 8.62 18.03 -6.89
C GLU A 215 7.18 17.59 -7.19
N LEU A 216 6.92 16.30 -7.04
CA LEU A 216 5.59 15.76 -7.30
C LEU A 216 4.58 16.22 -6.24
N ALA A 217 5.09 16.59 -5.07
CA ALA A 217 4.23 17.04 -3.98
C ALA A 217 4.16 18.57 -3.87
N GLY A 218 5.17 19.26 -4.40
CA GLY A 218 5.20 20.70 -4.28
C GLY A 218 5.03 21.55 -5.52
N ASN A 219 4.79 20.93 -6.66
CA ASN A 219 4.60 21.69 -7.88
C ASN A 219 3.18 22.25 -7.87
N PRO A 220 3.04 23.57 -8.04
CA PRO A 220 1.73 24.23 -8.04
C PRO A 220 0.68 23.73 -9.02
N LYS A 221 1.09 22.99 -10.03
CA LYS A 221 0.13 22.47 -11.00
C LYS A 221 -0.51 21.16 -10.57
N VAL A 222 0.01 20.57 -9.49
CA VAL A 222 -0.54 19.32 -8.98
C VAL A 222 -1.77 19.60 -8.12
N ALA A 223 -2.89 18.97 -8.46
CA ALA A 223 -4.13 19.18 -7.71
C ALA A 223 -4.13 18.28 -6.48
N MET A 224 -3.48 17.11 -6.60
CA MET A 224 -3.42 16.19 -5.48
C MET A 224 -2.25 15.23 -5.57
N VAL A 225 -1.60 15.02 -4.43
CA VAL A 225 -0.49 14.08 -4.39
C VAL A 225 -0.94 12.92 -3.53
N SER A 226 -0.77 11.71 -4.06
CA SER A 226 -1.17 10.51 -3.36
C SER A 226 0.10 9.73 -3.10
N MET A 227 0.31 9.33 -1.85
CA MET A 227 1.51 8.58 -1.52
C MET A 227 1.28 7.52 -0.43
N THR A 228 1.98 6.41 -0.59
CA THR A 228 1.90 5.32 0.35
C THR A 228 3.34 5.05 0.79
N GLY A 229 3.55 4.99 2.10
CA GLY A 229 4.89 4.76 2.63
C GLY A 229 4.90 4.87 4.14
N SER A 230 6.03 5.33 4.69
CA SER A 230 6.15 5.46 6.15
C SER A 230 5.60 6.80 6.64
N VAL A 231 5.25 6.86 7.91
CA VAL A 231 4.71 8.07 8.49
C VAL A 231 5.73 9.20 8.32
N SER A 232 7.01 8.87 8.50
CA SER A 232 8.08 9.84 8.37
C SER A 232 8.04 10.51 7.00
N ALA A 233 7.96 9.71 5.94
CA ALA A 233 7.91 10.23 4.58
C ALA A 233 6.58 10.95 4.32
N GLY A 234 5.52 10.49 4.96
CA GLY A 234 4.22 11.12 4.79
C GLY A 234 4.27 12.55 5.30
N GLU A 235 4.96 12.74 6.42
CA GLU A 235 5.09 14.06 7.02
C GLU A 235 5.77 15.02 6.06
N LYS A 236 6.86 14.57 5.45
CA LYS A 236 7.61 15.39 4.50
C LYS A 236 6.73 15.80 3.32
N ILE A 237 5.92 14.86 2.86
CA ILE A 237 5.03 15.12 1.73
C ILE A 237 3.92 16.12 2.05
N MET A 238 3.31 15.98 3.23
CA MET A 238 2.25 16.90 3.61
C MET A 238 2.81 18.30 3.84
N ALA A 239 4.00 18.38 4.43
CA ALA A 239 4.62 19.67 4.70
C ALA A 239 4.88 20.39 3.37
N THR A 240 5.37 19.64 2.38
CA THR A 240 5.66 20.20 1.06
C THR A 240 4.38 20.65 0.35
N ALA A 241 3.34 19.83 0.44
CA ALA A 241 2.06 20.14 -0.18
C ALA A 241 1.45 21.39 0.44
N ALA A 242 1.71 21.61 1.72
CA ALA A 242 1.20 22.76 2.45
C ALA A 242 1.48 24.08 1.75
N LYS A 243 2.64 24.16 1.10
CA LYS A 243 3.05 25.38 0.40
C LYS A 243 2.08 25.89 -0.65
N ASN A 244 1.41 24.98 -1.33
CA ASN A 244 0.47 25.37 -2.38
C ASN A 244 -0.94 24.91 -2.10
N ILE A 245 -1.20 24.55 -0.84
CA ILE A 245 -2.51 24.07 -0.42
C ILE A 245 -2.92 22.89 -1.32
N THR A 246 -1.94 22.04 -1.63
CA THR A 246 -2.18 20.88 -2.46
C THR A 246 -2.85 19.78 -1.62
N LYS A 247 -3.87 19.16 -2.19
CA LYS A 247 -4.59 18.10 -1.50
C LYS A 247 -3.70 16.86 -1.37
N VAL A 248 -3.84 16.13 -0.27
CA VAL A 248 -3.04 14.91 -0.10
C VAL A 248 -3.91 13.70 0.20
N CYS A 249 -3.38 12.54 -0.19
CA CYS A 249 -4.03 11.27 0.04
C CYS A 249 -2.86 10.39 0.51
N LEU A 250 -2.84 10.09 1.80
CA LEU A 250 -1.75 9.32 2.38
C LEU A 250 -2.20 8.04 3.07
N GLU A 251 -1.40 6.99 2.89
CA GLU A 251 -1.64 5.69 3.52
C GLU A 251 -0.25 5.42 4.11
N LEU A 252 -0.13 5.52 5.43
CA LEU A 252 1.18 5.36 6.05
C LEU A 252 1.41 4.13 6.91
N GLY A 253 0.73 3.03 6.61
CA GLY A 253 0.92 1.80 7.35
C GLY A 253 0.42 1.79 8.78
N GLY A 254 0.87 0.80 9.56
CA GLY A 254 0.45 0.70 10.94
C GLY A 254 1.07 -0.39 11.79
N LYS A 255 0.31 -0.81 12.79
CA LYS A 255 0.70 -1.83 13.76
C LYS A 255 -0.59 -2.58 14.10
N ALA A 256 -1.17 -3.23 13.10
CA ALA A 256 -2.41 -3.97 13.20
C ALA A 256 -2.59 -4.92 14.39
N PRO A 257 -3.54 -4.61 15.27
CA PRO A 257 -3.84 -5.42 16.45
C PRO A 257 -4.83 -6.59 16.14
N ALA A 258 -4.59 -7.74 16.77
CA ALA A 258 -5.39 -8.96 16.62
C ALA A 258 -5.80 -9.37 18.03
N ILE A 259 -7.09 -9.48 18.27
CA ILE A 259 -7.59 -9.86 19.59
C ILE A 259 -8.21 -11.24 19.54
N VAL A 260 -7.64 -12.15 20.32
CA VAL A 260 -8.13 -13.53 20.37
C VAL A 260 -8.81 -13.79 21.71
N MET A 261 -10.13 -13.95 21.69
CA MET A 261 -10.88 -14.22 22.91
C MET A 261 -10.80 -15.70 23.27
N ASP A 262 -11.26 -16.06 24.47
CA ASP A 262 -11.22 -17.45 24.91
C ASP A 262 -12.17 -18.31 24.10
N ASP A 263 -13.29 -17.71 23.69
CA ASP A 263 -14.30 -18.43 22.91
C ASP A 263 -14.03 -18.34 21.42
N ALA A 264 -12.76 -18.20 21.05
CA ALA A 264 -12.39 -18.09 19.64
C ALA A 264 -12.12 -19.45 19.04
N ASP A 265 -12.28 -19.54 17.72
CA ASP A 265 -12.00 -20.77 17.01
C ASP A 265 -10.48 -20.77 16.91
N LEU A 266 -9.85 -21.41 17.88
CA LEU A 266 -8.40 -21.48 17.96
C LEU A 266 -7.72 -21.79 16.63
N GLU A 267 -8.17 -22.85 15.97
CA GLU A 267 -7.58 -23.27 14.69
C GLU A 267 -7.64 -22.16 13.64
N LEU A 268 -8.81 -21.55 13.49
CA LEU A 268 -9.01 -20.48 12.53
C LEU A 268 -8.15 -19.25 12.84
N ALA A 269 -8.16 -18.84 14.09
CA ALA A 269 -7.39 -17.68 14.53
C ALA A 269 -5.89 -17.82 14.25
N VAL A 270 -5.32 -18.95 14.62
CA VAL A 270 -3.89 -19.16 14.41
C VAL A 270 -3.51 -19.07 12.93
N LYS A 271 -4.34 -19.66 12.08
CA LYS A 271 -4.10 -19.64 10.64
C LYS A 271 -4.20 -18.21 10.08
N ALA A 272 -5.22 -17.49 10.51
CA ALA A 272 -5.43 -16.12 10.05
C ALA A 272 -4.26 -15.22 10.44
N ILE A 273 -3.87 -15.26 11.72
CA ILE A 273 -2.77 -14.43 12.20
C ILE A 273 -1.44 -14.76 11.54
N VAL A 274 -1.12 -16.05 11.43
CA VAL A 274 0.14 -16.45 10.81
C VAL A 274 0.18 -15.99 9.36
N ASP A 275 -0.92 -16.19 8.65
CA ASP A 275 -0.98 -15.77 7.24
C ASP A 275 -0.82 -14.26 7.13
N SER A 276 -1.69 -13.51 7.80
CA SER A 276 -1.63 -12.05 7.76
C SER A 276 -0.20 -11.57 7.98
N ARG A 277 0.36 -11.90 9.15
CA ARG A 277 1.73 -11.50 9.51
C ARG A 277 2.81 -11.89 8.49
N VAL A 278 2.89 -13.18 8.15
CA VAL A 278 3.93 -13.62 7.22
C VAL A 278 3.69 -13.21 5.76
N ILE A 279 2.71 -12.32 5.53
CA ILE A 279 2.43 -11.84 4.18
C ILE A 279 3.60 -11.01 3.68
N ASN A 280 4.20 -11.44 2.56
CA ASN A 280 5.32 -10.72 1.99
C ASN A 280 6.41 -10.56 3.07
N SER A 281 6.70 -11.65 3.77
CA SER A 281 7.71 -11.65 4.82
C SER A 281 7.36 -10.67 5.94
N GLY A 282 6.12 -10.18 5.94
CA GLY A 282 5.71 -9.23 6.95
C GLY A 282 6.03 -7.80 6.58
N GLN A 283 6.66 -7.61 5.42
CA GLN A 283 7.04 -6.29 4.93
C GLN A 283 5.81 -5.43 4.63
N VAL A 284 4.63 -5.99 4.90
CA VAL A 284 3.36 -5.30 4.66
C VAL A 284 2.84 -4.68 5.96
N CYS A 285 1.86 -3.80 5.84
CA CYS A 285 1.26 -3.15 7.00
C CYS A 285 0.01 -3.91 7.44
N ASN A 286 -0.79 -4.35 6.46
CA ASN A 286 -2.02 -5.09 6.70
C ASN A 286 -1.90 -6.05 7.88
N CYS A 287 -0.97 -6.99 7.73
CA CYS A 287 -0.68 -8.03 8.72
C CYS A 287 -0.79 -7.65 10.19
N ALA A 288 -1.19 -8.61 11.01
CA ALA A 288 -1.30 -8.41 12.44
C ALA A 288 0.13 -8.27 12.96
N GLU A 289 0.38 -7.19 13.69
CA GLU A 289 1.71 -6.95 14.22
C GLU A 289 1.69 -6.84 15.74
N ARG A 290 0.49 -6.94 16.31
CA ARG A 290 0.29 -6.89 17.74
C ARG A 290 -0.80 -7.91 18.06
N VAL A 291 -0.43 -8.97 18.76
CA VAL A 291 -1.42 -10.01 19.09
C VAL A 291 -1.76 -10.01 20.58
N TYR A 292 -3.04 -9.83 20.88
CA TYR A 292 -3.51 -9.83 22.27
C TYR A 292 -4.36 -11.10 22.48
N VAL A 293 -3.91 -11.95 23.39
CA VAL A 293 -4.58 -13.20 23.69
C VAL A 293 -5.02 -13.23 25.15
N GLN A 294 -6.29 -13.53 25.43
CA GLN A 294 -6.67 -13.55 26.83
C GLN A 294 -6.30 -14.83 27.53
N LYS A 295 -5.98 -14.68 28.81
CA LYS A 295 -5.56 -15.76 29.71
C LYS A 295 -6.12 -17.16 29.42
N GLY A 296 -7.43 -17.30 29.52
CA GLY A 296 -8.08 -18.58 29.32
C GLY A 296 -7.66 -19.44 28.14
N ILE A 297 -7.24 -18.82 27.05
CA ILE A 297 -6.84 -19.58 25.86
C ILE A 297 -5.37 -19.36 25.51
N TYR A 298 -4.71 -18.49 26.27
CA TYR A 298 -3.30 -18.17 26.05
C TYR A 298 -2.43 -19.38 25.75
N ASP A 299 -2.17 -20.19 26.78
CA ASP A 299 -1.33 -21.38 26.64
C ASP A 299 -1.54 -22.13 25.33
N GLN A 300 -2.78 -22.54 25.07
CA GLN A 300 -3.10 -23.26 23.85
C GLN A 300 -2.71 -22.46 22.61
N PHE A 301 -3.21 -21.23 22.54
CA PHE A 301 -2.94 -20.35 21.39
C PHE A 301 -1.46 -20.17 21.10
N VAL A 302 -0.68 -19.82 22.12
CA VAL A 302 0.75 -19.60 21.93
C VAL A 302 1.49 -20.86 21.44
N ASN A 303 1.06 -22.03 21.89
CA ASN A 303 1.71 -23.27 21.46
C ASN A 303 1.49 -23.52 19.98
N ARG A 304 0.23 -23.49 19.55
CA ARG A 304 -0.10 -23.71 18.14
C ARG A 304 0.56 -22.66 17.25
N LEU A 305 0.51 -21.41 17.69
CA LEU A 305 1.10 -20.32 16.91
C LEU A 305 2.60 -20.57 16.77
N GLY A 306 3.22 -21.00 17.86
CA GLY A 306 4.66 -21.27 17.83
C GLY A 306 5.03 -22.34 16.83
N GLU A 307 4.23 -23.39 16.76
CA GLU A 307 4.48 -24.49 15.82
C GLU A 307 4.22 -24.02 14.39
N ALA A 308 3.11 -23.31 14.20
CA ALA A 308 2.74 -22.82 12.89
C ALA A 308 3.86 -21.98 12.28
N MET A 309 4.49 -21.15 13.10
CA MET A 309 5.57 -20.28 12.61
C MET A 309 6.90 -21.00 12.39
N GLN A 310 7.13 -22.06 13.15
CA GLN A 310 8.39 -22.80 13.01
C GLN A 310 8.47 -23.46 11.65
N ALA A 311 7.32 -23.77 11.07
CA ALA A 311 7.24 -24.43 9.76
C ALA A 311 7.53 -23.48 8.60
N VAL A 312 7.42 -22.17 8.85
CA VAL A 312 7.66 -21.17 7.81
C VAL A 312 9.10 -21.22 7.35
N GLN A 313 9.30 -21.47 6.06
CA GLN A 313 10.62 -21.54 5.46
C GLN A 313 10.91 -20.25 4.71
N PHE A 314 12.16 -19.80 4.73
CA PHE A 314 12.55 -18.59 4.03
C PHE A 314 13.69 -18.86 3.06
N GLY A 315 13.78 -18.07 2.02
CA GLY A 315 14.84 -18.24 1.04
C GLY A 315 14.63 -17.46 -0.25
N ASN A 316 15.47 -17.72 -1.23
CA ASN A 316 15.39 -17.04 -2.53
C ASN A 316 14.07 -17.41 -3.22
N PRO A 317 13.19 -16.42 -3.44
CA PRO A 317 11.89 -16.63 -4.08
C PRO A 317 11.99 -17.21 -5.50
N ALA A 318 13.05 -16.85 -6.22
CA ALA A 318 13.24 -17.30 -7.59
C ALA A 318 13.68 -18.76 -7.73
N GLU A 319 14.31 -19.32 -6.70
CA GLU A 319 14.79 -20.69 -6.76
C GLU A 319 14.02 -21.69 -5.91
N ARG A 320 13.03 -21.18 -5.17
CA ARG A 320 12.21 -22.04 -4.32
C ARG A 320 10.77 -21.55 -4.39
N ASN A 321 9.86 -22.47 -4.66
CA ASN A 321 8.44 -22.14 -4.73
C ASN A 321 7.74 -22.87 -3.60
N ASP A 322 8.54 -23.38 -2.66
CA ASP A 322 8.01 -24.11 -1.51
C ASP A 322 8.36 -23.37 -0.22
N ILE A 323 8.47 -22.05 -0.32
CA ILE A 323 8.78 -21.21 0.84
C ILE A 323 7.65 -20.21 1.03
N ALA A 324 7.41 -19.81 2.28
CA ALA A 324 6.35 -18.86 2.58
C ALA A 324 6.93 -17.47 2.83
N MET A 325 8.25 -17.33 2.70
CA MET A 325 8.89 -16.06 2.96
C MET A 325 10.16 -15.80 2.19
N GLY A 326 10.31 -14.56 1.74
CA GLY A 326 11.50 -14.18 1.01
C GLY A 326 12.32 -13.25 1.88
N PRO A 327 13.33 -12.57 1.32
CA PRO A 327 14.18 -11.66 2.10
C PRO A 327 13.48 -10.32 2.37
N LEU A 328 14.04 -9.52 3.26
CA LEU A 328 13.50 -8.20 3.53
C LEU A 328 14.00 -7.33 2.37
N ILE A 329 13.40 -6.17 2.16
CA ILE A 329 13.73 -5.29 1.05
C ILE A 329 15.20 -4.85 0.90
N ASN A 330 15.84 -4.49 2.01
CA ASN A 330 17.25 -4.08 1.93
C ASN A 330 17.94 -4.12 3.29
N ALA A 331 19.23 -3.79 3.30
CA ALA A 331 20.05 -3.81 4.51
C ALA A 331 19.45 -3.03 5.67
N ALA A 332 19.07 -1.79 5.42
CA ALA A 332 18.50 -0.94 6.45
C ALA A 332 17.31 -1.61 7.13
N ALA A 333 16.47 -2.26 6.33
CA ALA A 333 15.29 -2.94 6.86
C ALA A 333 15.71 -4.04 7.83
N LEU A 334 16.67 -4.86 7.40
CA LEU A 334 17.17 -5.96 8.21
C LEU A 334 17.67 -5.48 9.57
N GLU A 335 18.52 -4.46 9.56
CA GLU A 335 19.07 -3.91 10.81
C GLU A 335 18.00 -3.35 11.73
N ARG A 336 17.04 -2.63 11.17
CA ARG A 336 15.98 -2.04 11.98
C ARG A 336 15.23 -3.13 12.74
N VAL A 337 15.04 -4.28 12.10
CA VAL A 337 14.34 -5.40 12.73
C VAL A 337 15.20 -5.98 13.85
N GLU A 338 16.50 -6.11 13.59
CA GLU A 338 17.43 -6.64 14.59
C GLU A 338 17.39 -5.80 15.85
N GLN A 339 17.58 -4.50 15.68
CA GLN A 339 17.59 -3.54 16.77
C GLN A 339 16.29 -3.56 17.57
N LYS A 340 15.16 -3.65 16.86
CA LYS A 340 13.86 -3.67 17.53
C LYS A 340 13.65 -4.95 18.34
N VAL A 341 14.16 -6.06 17.85
CA VAL A 341 14.04 -7.32 18.58
C VAL A 341 14.99 -7.30 19.77
N ALA A 342 16.17 -6.72 19.55
CA ALA A 342 17.17 -6.62 20.60
C ALA A 342 16.65 -5.72 21.72
N ARG A 343 16.10 -4.57 21.36
CA ARG A 343 15.55 -3.66 22.35
C ARG A 343 14.44 -4.39 23.11
N ALA A 344 13.61 -5.11 22.36
CA ALA A 344 12.52 -5.86 22.95
C ALA A 344 13.06 -6.83 24.01
N VAL A 345 14.07 -7.62 23.62
CA VAL A 345 14.66 -8.58 24.53
C VAL A 345 15.27 -7.88 25.75
N GLU A 346 16.01 -6.81 25.51
CA GLU A 346 16.63 -6.06 26.59
C GLU A 346 15.61 -5.45 27.54
N GLU A 347 14.40 -5.22 27.03
CA GLU A 347 13.35 -4.62 27.84
C GLU A 347 12.56 -5.67 28.62
N GLY A 348 12.78 -6.94 28.33
CA GLY A 348 12.07 -7.99 29.04
C GLY A 348 11.40 -9.05 28.17
N ALA A 349 11.30 -8.79 26.87
CA ALA A 349 10.67 -9.73 25.95
C ALA A 349 11.34 -11.11 25.99
N ARG A 350 10.52 -12.14 25.79
CA ARG A 350 11.00 -13.51 25.80
C ARG A 350 10.94 -14.15 24.41
N VAL A 351 12.10 -14.46 23.84
CA VAL A 351 12.18 -15.06 22.52
C VAL A 351 11.77 -16.54 22.56
N ALA A 352 10.59 -16.83 22.02
CA ALA A 352 10.08 -18.19 21.98
C ALA A 352 10.42 -18.87 20.66
N PHE A 353 10.98 -18.09 19.74
CA PHE A 353 11.35 -18.60 18.42
C PHE A 353 12.02 -17.52 17.56
N GLY A 354 13.07 -17.91 16.84
CA GLY A 354 13.78 -16.98 15.99
C GLY A 354 14.59 -15.98 16.79
N GLY A 355 14.50 -14.70 16.41
CA GLY A 355 15.22 -13.65 17.11
C GLY A 355 16.69 -13.47 16.80
N LYS A 356 17.15 -14.05 15.70
CA LYS A 356 18.56 -13.94 15.32
C LYS A 356 18.66 -13.76 13.81
N ALA A 357 19.13 -12.60 13.38
CA ALA A 357 19.27 -12.32 11.96
C ALA A 357 20.32 -13.22 11.31
N VAL A 358 19.99 -13.71 10.12
CA VAL A 358 20.88 -14.55 9.36
C VAL A 358 21.96 -13.68 8.73
N GLU A 359 23.18 -14.21 8.64
CA GLU A 359 24.27 -13.44 8.04
C GLU A 359 24.78 -14.10 6.77
N GLY A 360 24.80 -13.33 5.69
CA GLY A 360 25.25 -13.84 4.41
C GLY A 360 24.52 -13.10 3.30
N LYS A 361 24.70 -13.54 2.06
CA LYS A 361 24.06 -12.92 0.91
C LYS A 361 22.54 -12.79 1.11
N GLY A 362 22.01 -11.60 0.86
CA GLY A 362 20.58 -11.40 1.02
C GLY A 362 20.23 -10.81 2.36
N TYR A 363 18.96 -10.54 2.60
CA TYR A 363 18.52 -9.94 3.87
C TYR A 363 17.41 -10.76 4.48
N TYR A 364 17.77 -11.77 5.27
CA TYR A 364 16.75 -12.61 5.88
C TYR A 364 16.66 -12.48 7.38
N TYR A 365 15.42 -12.59 7.88
CA TYR A 365 15.18 -12.58 9.31
C TYR A 365 14.16 -13.68 9.53
N PRO A 366 14.49 -14.65 10.39
CA PRO A 366 13.57 -15.76 10.64
C PRO A 366 12.31 -15.32 11.37
N PRO A 367 11.20 -16.04 11.15
CA PRO A 367 9.98 -15.64 11.85
C PRO A 367 10.30 -15.65 13.35
N THR A 368 9.84 -14.64 14.06
CA THR A 368 10.14 -14.53 15.47
C THR A 368 8.91 -14.35 16.34
N LEU A 369 8.91 -15.04 17.47
CA LEU A 369 7.80 -14.97 18.41
C LEU A 369 8.33 -14.44 19.73
N LEU A 370 7.79 -13.30 20.17
CA LEU A 370 8.20 -12.69 21.42
C LEU A 370 7.07 -12.81 22.43
N LEU A 371 7.36 -13.41 23.58
CA LEU A 371 6.35 -13.58 24.61
C LEU A 371 6.62 -12.69 25.83
N ASP A 372 5.68 -12.70 26.77
CA ASP A 372 5.81 -11.88 27.97
C ASP A 372 6.16 -10.45 27.62
N VAL A 373 5.50 -9.93 26.58
CA VAL A 373 5.72 -8.56 26.14
C VAL A 373 4.69 -7.70 26.88
N ARG A 374 5.08 -6.48 27.22
CA ARG A 374 4.17 -5.58 27.91
C ARG A 374 3.73 -4.49 26.95
N GLN A 375 2.47 -4.07 27.07
CA GLN A 375 1.90 -3.02 26.22
C GLN A 375 2.79 -1.80 26.15
N GLU A 376 3.63 -1.60 27.17
CA GLU A 376 4.53 -0.45 27.24
C GLU A 376 5.75 -0.59 26.34
N MET A 377 6.22 -1.83 26.17
CA MET A 377 7.40 -2.09 25.35
C MET A 377 7.32 -1.41 23.99
N SER A 378 8.40 -0.72 23.63
CA SER A 378 8.47 0.02 22.38
C SER A 378 8.08 -0.79 21.15
N ILE A 379 8.32 -2.10 21.19
CA ILE A 379 7.99 -2.94 20.04
C ILE A 379 6.49 -2.95 19.76
N MET A 380 5.71 -2.47 20.72
CA MET A 380 4.26 -2.42 20.57
C MET A 380 3.83 -1.05 20.06
N HIS A 381 4.79 -0.16 19.87
CA HIS A 381 4.50 1.20 19.42
C HIS A 381 5.47 1.65 18.34
N GLU A 382 5.96 0.71 17.54
CA GLU A 382 6.90 1.01 16.47
C GLU A 382 6.66 0.05 15.33
N GLU A 383 6.36 0.55 14.13
CA GLU A 383 6.16 -0.34 13.00
C GLU A 383 7.41 -1.19 12.84
N THR A 384 7.26 -2.50 12.98
CA THR A 384 8.37 -3.45 12.93
C THR A 384 9.14 -3.63 11.61
N PHE A 385 8.46 -4.12 10.58
CA PHE A 385 9.04 -4.41 9.25
C PHE A 385 9.02 -5.91 9.02
N GLY A 386 9.99 -6.59 9.61
CA GLY A 386 10.11 -8.04 9.46
C GLY A 386 9.00 -8.88 10.07
N PRO A 387 9.14 -10.22 10.01
CA PRO A 387 8.18 -11.19 10.55
C PRO A 387 8.33 -11.44 12.04
N VAL A 388 7.92 -10.48 12.86
CA VAL A 388 8.01 -10.62 14.30
C VAL A 388 6.63 -10.50 14.92
N LEU A 389 6.28 -11.44 15.80
CA LEU A 389 4.99 -11.41 16.45
C LEU A 389 5.02 -11.28 17.97
N PRO A 390 4.73 -10.08 18.48
CA PRO A 390 4.73 -9.86 19.93
C PRO A 390 3.38 -10.30 20.47
N VAL A 391 3.36 -10.89 21.67
CA VAL A 391 2.11 -11.36 22.25
C VAL A 391 1.91 -10.83 23.66
N VAL A 392 0.69 -10.39 23.94
CA VAL A 392 0.37 -9.84 25.24
C VAL A 392 -0.93 -10.46 25.74
N ALA A 393 -0.95 -10.87 27.01
CA ALA A 393 -2.13 -11.49 27.59
C ALA A 393 -3.02 -10.43 28.21
N PHE A 394 -4.29 -10.76 28.39
CA PHE A 394 -5.23 -9.82 28.99
C PHE A 394 -6.40 -10.59 29.60
N ASP A 395 -7.17 -9.92 30.46
CA ASP A 395 -8.32 -10.54 31.11
C ASP A 395 -9.66 -10.18 30.47
N THR A 396 -9.91 -8.88 30.32
CA THR A 396 -11.17 -8.43 29.77
C THR A 396 -11.10 -7.85 28.35
N LEU A 397 -12.24 -7.89 27.67
CA LEU A 397 -12.36 -7.35 26.34
C LEU A 397 -11.98 -5.88 26.41
N GLU A 398 -12.45 -5.22 27.46
CA GLU A 398 -12.17 -3.80 27.67
C GLU A 398 -10.67 -3.54 27.68
N ASP A 399 -9.90 -4.46 28.27
CA ASP A 399 -8.45 -4.31 28.31
C ASP A 399 -7.90 -4.38 26.90
N ALA A 400 -8.29 -5.44 26.19
CA ALA A 400 -7.85 -5.69 24.83
C ALA A 400 -8.16 -4.52 23.89
N ILE A 401 -9.38 -4.00 23.95
CA ILE A 401 -9.78 -2.89 23.10
C ILE A 401 -8.96 -1.65 23.43
N SER A 402 -8.85 -1.35 24.71
CA SER A 402 -8.08 -0.20 25.18
C SER A 402 -6.63 -0.28 24.72
N MET A 403 -6.03 -1.47 24.76
CA MET A 403 -4.65 -1.62 24.32
C MET A 403 -4.54 -1.58 22.80
N ALA A 404 -5.57 -2.04 22.10
CA ALA A 404 -5.55 -2.00 20.63
C ALA A 404 -5.58 -0.53 20.20
N ASN A 405 -6.41 0.26 20.85
CA ASN A 405 -6.53 1.69 20.52
C ASN A 405 -5.33 2.53 20.97
N ASP A 406 -4.50 1.98 21.86
CA ASP A 406 -3.33 2.72 22.34
C ASP A 406 -2.22 2.69 21.29
N SER A 407 -2.42 3.45 20.21
CA SER A 407 -1.47 3.49 19.10
C SER A 407 -1.69 4.74 18.24
N ASP A 408 -0.63 5.21 17.56
CA ASP A 408 -0.75 6.37 16.69
C ASP A 408 -1.23 5.95 15.31
N TYR A 409 -1.35 4.64 15.11
CA TYR A 409 -1.81 4.10 13.85
C TYR A 409 -3.24 3.58 14.02
N GLY A 410 -4.03 3.66 12.95
CA GLY A 410 -5.41 3.22 13.02
C GLY A 410 -6.00 2.78 11.69
N LEU A 411 -5.26 1.93 10.99
CA LEU A 411 -5.68 1.41 9.70
C LEU A 411 -6.49 0.12 9.80
N THR A 412 -5.87 -0.93 10.36
CA THR A 412 -6.52 -2.23 10.45
C THR A 412 -6.53 -2.86 11.84
N SER A 413 -7.54 -3.70 12.10
CA SER A 413 -7.67 -4.40 13.37
C SER A 413 -8.41 -5.71 13.12
N SER A 414 -8.38 -6.62 14.08
CA SER A 414 -9.08 -7.89 13.94
C SER A 414 -9.43 -8.51 15.28
N ILE A 415 -10.48 -9.33 15.30
CA ILE A 415 -10.89 -10.00 16.53
C ILE A 415 -11.54 -11.34 16.21
N TYR A 416 -11.32 -12.31 17.10
CA TYR A 416 -11.88 -13.65 16.94
C TYR A 416 -12.69 -14.02 18.16
N THR A 417 -13.98 -14.25 17.95
CA THR A 417 -14.90 -14.61 19.03
C THR A 417 -16.16 -15.19 18.42
N GLN A 418 -17.03 -15.74 19.26
CA GLN A 418 -18.28 -16.32 18.79
C GLN A 418 -19.48 -15.73 19.52
N ASN A 419 -19.22 -14.78 20.42
CA ASN A 419 -20.28 -14.13 21.18
C ASN A 419 -20.81 -12.88 20.45
N LEU A 420 -22.13 -12.75 20.38
CA LEU A 420 -22.74 -11.61 19.68
C LEU A 420 -22.40 -10.26 20.31
N ASN A 421 -22.48 -10.18 21.62
CA ASN A 421 -22.20 -8.91 22.29
C ASN A 421 -20.73 -8.50 22.20
N VAL A 422 -19.84 -9.47 22.30
CA VAL A 422 -18.41 -9.19 22.21
C VAL A 422 -18.12 -8.57 20.85
N ALA A 423 -18.62 -9.22 19.80
CA ALA A 423 -18.44 -8.75 18.44
C ALA A 423 -18.91 -7.31 18.27
N MET A 424 -20.16 -7.03 18.63
CA MET A 424 -20.70 -5.69 18.51
C MET A 424 -19.96 -4.69 19.41
N LYS A 425 -19.39 -5.19 20.49
CA LYS A 425 -18.67 -4.33 21.43
C LYS A 425 -17.30 -3.97 20.86
N ALA A 426 -16.65 -4.94 20.21
CA ALA A 426 -15.35 -4.71 19.60
C ALA A 426 -15.54 -3.75 18.43
N ILE A 427 -16.57 -4.00 17.63
CA ILE A 427 -16.87 -3.14 16.50
C ILE A 427 -17.03 -1.69 16.94
N LYS A 428 -17.85 -1.46 17.95
CA LYS A 428 -18.07 -0.09 18.42
C LYS A 428 -16.86 0.49 19.14
N GLY A 429 -16.10 -0.37 19.82
CA GLY A 429 -14.93 0.11 20.56
C GLY A 429 -13.62 0.33 19.82
N LEU A 430 -13.34 -0.47 18.80
CA LEU A 430 -12.09 -0.34 18.05
C LEU A 430 -12.07 0.91 17.16
N LYS A 431 -11.05 1.73 17.35
CA LYS A 431 -10.90 2.97 16.58
C LYS A 431 -9.97 2.77 15.39
N PHE A 432 -10.45 2.02 14.39
CA PHE A 432 -9.67 1.72 13.20
C PHE A 432 -10.48 1.87 11.92
N GLY A 433 -9.77 2.01 10.80
CA GLY A 433 -10.43 2.15 9.51
C GLY A 433 -11.01 0.82 9.06
N GLU A 434 -10.49 -0.27 9.63
CA GLU A 434 -10.96 -1.61 9.28
C GLU A 434 -10.91 -2.55 10.47
N THR A 435 -11.89 -3.44 10.55
CA THR A 435 -11.94 -4.42 11.61
C THR A 435 -12.37 -5.74 10.99
N TYR A 436 -11.48 -6.73 11.03
CA TYR A 436 -11.79 -8.04 10.49
C TYR A 436 -12.25 -8.93 11.62
N ILE A 437 -13.33 -9.66 11.39
CA ILE A 437 -13.85 -10.54 12.42
C ILE A 437 -13.88 -11.99 11.95
N ASN A 438 -13.16 -12.85 12.67
CA ASN A 438 -13.05 -14.27 12.38
C ASN A 438 -12.61 -14.59 10.96
N ARG A 439 -11.56 -13.90 10.51
CA ARG A 439 -10.99 -14.10 9.18
C ARG A 439 -9.66 -13.32 9.10
N GLU A 440 -8.87 -13.56 8.05
CA GLU A 440 -7.60 -12.87 7.91
C GLU A 440 -7.73 -11.49 7.25
N ASN A 441 -6.75 -10.62 7.51
CA ASN A 441 -6.77 -9.27 6.97
C ASN A 441 -6.37 -9.14 5.50
N PHE A 442 -7.33 -8.73 4.67
CA PHE A 442 -7.12 -8.52 3.25
C PHE A 442 -8.30 -7.70 2.73
N GLU A 443 -8.07 -6.43 2.44
CA GLU A 443 -9.13 -5.53 1.97
C GLU A 443 -9.70 -5.88 0.59
N ALA A 444 -11.01 -5.69 0.45
CA ALA A 444 -11.70 -5.96 -0.80
C ALA A 444 -11.62 -4.71 -1.69
N MET A 445 -11.63 -4.90 -3.01
CA MET A 445 -11.54 -3.75 -3.90
C MET A 445 -12.78 -2.84 -3.79
N GLN A 446 -13.90 -3.39 -3.34
CA GLN A 446 -15.11 -2.58 -3.19
C GLN A 446 -15.23 -2.01 -1.77
N GLY A 447 -14.21 -2.20 -0.95
CA GLY A 447 -14.24 -1.66 0.41
C GLY A 447 -13.65 -0.26 0.40
N PHE A 448 -13.09 0.17 1.53
CA PHE A 448 -12.47 1.50 1.63
C PHE A 448 -11.33 1.38 2.64
N HIS A 449 -10.12 1.33 2.11
CA HIS A 449 -8.90 1.20 2.90
C HIS A 449 -8.44 2.61 3.27
N ALA A 450 -8.84 3.07 4.45
CA ALA A 450 -8.49 4.41 4.93
C ALA A 450 -8.13 4.38 6.41
N GLY A 451 -6.94 4.89 6.72
CA GLY A 451 -6.48 4.87 8.10
C GLY A 451 -6.81 6.04 9.00
N TRP A 452 -7.03 5.71 10.27
CA TRP A 452 -7.32 6.71 11.29
C TRP A 452 -5.98 7.22 11.85
N ARG A 453 -6.05 8.35 12.55
CA ARG A 453 -4.87 8.94 13.18
C ARG A 453 -3.69 9.07 12.20
N LYS A 454 -2.51 8.62 12.60
CA LYS A 454 -1.34 8.75 11.73
C LYS A 454 -1.24 7.75 10.57
N SER A 455 -2.21 6.85 10.47
CA SER A 455 -2.20 5.87 9.39
C SER A 455 -2.53 6.50 8.03
N GLY A 456 -3.03 7.75 8.03
CA GLY A 456 -3.32 8.39 6.76
C GLY A 456 -4.30 9.55 6.69
N ILE A 457 -4.60 9.95 5.46
CA ILE A 457 -5.53 11.02 5.16
C ILE A 457 -6.21 10.57 3.87
N GLY A 458 -7.54 10.60 3.85
CA GLY A 458 -8.25 10.13 2.67
C GLY A 458 -8.12 8.61 2.64
N GLY A 459 -8.26 8.01 1.47
CA GLY A 459 -8.16 6.57 1.40
C GLY A 459 -8.22 6.03 -0.01
N ALA A 460 -8.29 4.70 -0.13
CA ALA A 460 -8.33 4.04 -1.43
C ALA A 460 -9.34 2.91 -1.52
N ASP A 461 -9.65 2.54 -2.77
CA ASP A 461 -10.59 1.47 -3.09
C ASP A 461 -12.06 1.87 -3.01
N GLY A 462 -12.88 1.10 -3.72
CA GLY A 462 -14.31 1.32 -3.73
C GLY A 462 -14.77 2.69 -4.15
N LYS A 463 -16.04 2.95 -3.90
CA LYS A 463 -16.65 4.22 -4.26
C LYS A 463 -15.97 5.41 -3.60
N HIS A 464 -15.71 5.31 -2.30
CA HIS A 464 -15.06 6.40 -1.57
C HIS A 464 -13.65 6.65 -2.09
N GLY A 465 -12.96 5.58 -2.45
CA GLY A 465 -11.62 5.75 -2.98
C GLY A 465 -11.70 6.49 -4.32
N LEU A 466 -12.69 6.14 -5.12
CA LEU A 466 -12.86 6.79 -6.42
C LEU A 466 -13.12 8.28 -6.21
N HIS A 467 -13.92 8.60 -5.19
CA HIS A 467 -14.26 9.99 -4.92
C HIS A 467 -13.11 10.87 -4.46
N GLU A 468 -12.01 10.28 -4.01
CA GLU A 468 -10.85 11.06 -3.61
C GLU A 468 -10.34 11.83 -4.84
N TYR A 469 -10.65 11.31 -6.03
CA TYR A 469 -10.22 11.92 -7.27
C TYR A 469 -11.24 12.84 -7.92
N LEU A 470 -12.28 13.19 -7.16
CA LEU A 470 -13.32 14.07 -7.67
C LEU A 470 -13.52 15.24 -6.72
N GLN A 471 -13.97 16.36 -7.27
CA GLN A 471 -14.25 17.52 -6.45
C GLN A 471 -15.58 18.06 -6.97
N THR A 472 -16.28 18.80 -6.13
CA THR A 472 -17.58 19.29 -6.52
C THR A 472 -17.64 20.70 -7.09
N GLN A 473 -18.63 20.90 -7.96
CA GLN A 473 -18.92 22.20 -8.53
C GLN A 473 -20.43 22.38 -8.31
N VAL A 474 -20.80 23.28 -7.41
CA VAL A 474 -22.20 23.53 -7.12
C VAL A 474 -22.69 24.70 -7.95
N VAL A 475 -23.63 24.44 -8.84
CA VAL A 475 -24.20 25.46 -9.71
C VAL A 475 -25.58 25.90 -9.22
N TYR A 476 -25.72 27.20 -8.96
CA TYR A 476 -26.99 27.76 -8.52
C TYR A 476 -27.62 28.41 -9.76
N LEU A 477 -28.49 27.68 -10.42
CA LEU A 477 -29.13 28.16 -11.65
C LEU A 477 -30.48 28.79 -11.38
N GLN A 478 -30.51 30.12 -11.43
CA GLN A 478 -31.74 30.87 -11.17
C GLN A 478 -32.60 31.09 -12.42
N SER A 479 -33.82 30.57 -12.36
CA SER A 479 -34.78 30.69 -13.46
C SER A 479 -34.20 30.16 -14.77
#